data_2W8R
#
_entry.id   2W8R
#
_cell.length_a   265.925
_cell.length_b   265.925
_cell.length_c   265.925
_cell.angle_alpha   90.00
_cell.angle_beta   90.00
_cell.angle_gamma   90.00
#
_symmetry.space_group_name_H-M   'F 4 3 2'
#
loop_
_entity.id
_entity.type
_entity.pdbx_description
1 polymer 'SUCCINATE-SEMIALDEHYDE DEHYDROGENASE, MITOCHONDRIAL'
2 non-polymer "ADENOSINE-5'-DIPHOSPHATE"
3 non-polymer 'SULFATE ION'
4 non-polymer GLYCEROL
5 water water
#
_entity_poly.entity_id   1
_entity_poly.type   'polypeptide(L)'
_entity_poly.pdbx_seq_one_letter_code
;GRLAGLSAALLRTDSFVGGRWLPAAATFPVQDPASGAALGMVADCGVREARAAVRAAYEAFCRWREVSAKERSSLLRKWY
NLMIQNKDDLARIITAESGKPLKEAHGEILYSAFFLEWFSEEARRVYGDIIHTPAKDRRALVLKQPIGVAAVITPWNFPS
AMITRKVGAALAAGCTVVVKPAEDTPFSALALAELASQAGIPSGVYNVIPCSRKNAKEVGEAICTDPLVSKISFTGSTTT
GKILLHHAANSVKRVSMELGGLAPFIVFDSANVDQAVAGAMASKFRNTGQTAVCSNQFLVQRGIHDAFVKAFAEAMKKNL
RVGNGFEEGTTQGPLINEKAVEKVEKQVNDAVSKGATVVTGGKRHQLGKNFFEPTLLCNVTQDMLCTHEETFGPLAPVIK
FDTEEEAIAIANAADVGLAGYFYSQDPAQIWRVAEQLEVGMVGVNEGLISSVECPFGGVKQSGLGREGSKYGIDEYLELK
YVCYGGL
;
_entity_poly.pdbx_strand_id   A
#
loop_
_chem_comp.id
_chem_comp.type
_chem_comp.name
_chem_comp.formula
ADP non-polymer ADENOSINE-5'-DIPHOSPHATE 'C10 H15 N5 O10 P2'
GOL non-polymer GLYCEROL 'C3 H8 O3'
SO4 non-polymer 'SULFATE ION' 'O4 S -2'
#
# COMPACT_ATOMS: atom_id res chain seq x y z
N LEU A 3 22.45 -5.23 10.73
CA LEU A 3 22.08 -6.64 10.42
C LEU A 3 21.25 -7.28 11.55
N ALA A 4 21.83 -8.29 12.20
CA ALA A 4 21.18 -8.99 13.30
C ALA A 4 21.11 -8.14 14.57
N GLY A 5 21.08 -8.80 15.72
CA GLY A 5 21.02 -8.08 16.99
C GLY A 5 19.61 -7.66 17.40
N LEU A 6 18.61 -7.96 16.58
CA LEU A 6 17.23 -7.60 16.87
C LEU A 6 16.72 -8.21 18.17
N SER A 7 15.46 -8.63 18.15
CA SER A 7 14.81 -9.25 19.30
C SER A 7 14.26 -10.58 18.83
N ALA A 8 14.92 -11.67 19.20
CA ALA A 8 14.52 -13.02 18.81
C ALA A 8 13.02 -13.20 18.56
N ALA A 9 12.20 -12.59 19.42
CA ALA A 9 10.74 -12.71 19.31
C ALA A 9 10.14 -12.00 18.11
N LEU A 10 10.71 -10.85 17.73
CA LEU A 10 10.21 -10.08 16.59
C LEU A 10 10.50 -10.69 15.22
N LEU A 11 11.68 -11.29 15.08
CA LEU A 11 12.05 -11.92 13.80
C LEU A 11 11.56 -13.37 13.83
N ARG A 12 10.55 -13.67 13.02
CA ARG A 12 9.97 -15.00 12.98
C ARG A 12 10.04 -15.71 11.64
N THR A 13 10.08 -17.03 11.68
CA THR A 13 10.15 -17.83 10.48
C THR A 13 8.95 -18.74 10.28
N ASP A 14 8.18 -18.96 11.33
CA ASP A 14 7.01 -19.82 11.24
C ASP A 14 5.75 -19.02 10.95
N SER A 15 4.74 -19.69 10.40
CA SER A 15 3.47 -19.04 10.11
C SER A 15 2.75 -18.89 11.46
N PHE A 16 1.77 -17.99 11.52
CA PHE A 16 1.02 -17.77 12.76
C PHE A 16 -0.44 -18.09 12.51
N VAL A 17 -0.91 -19.18 13.09
CA VAL A 17 -2.30 -19.57 12.91
C VAL A 17 -2.86 -20.01 14.23
N GLY A 18 -4.05 -19.51 14.55
CA GLY A 18 -4.70 -19.87 15.79
C GLY A 18 -3.92 -19.56 17.05
N GLY A 19 -3.11 -18.51 17.02
CA GLY A 19 -2.33 -18.13 18.19
C GLY A 19 -1.11 -19.02 18.41
N ARG A 20 -0.67 -19.71 17.35
CA ARG A 20 0.48 -20.59 17.45
C ARG A 20 1.41 -20.46 16.26
N TRP A 21 2.71 -20.61 16.50
CA TRP A 21 3.70 -20.54 15.44
C TRP A 21 3.81 -21.93 14.84
N LEU A 22 3.44 -22.06 13.57
CA LEU A 22 3.48 -23.35 12.91
C LEU A 22 4.31 -23.36 11.63
N PRO A 23 5.26 -24.30 11.52
CA PRO A 23 6.11 -24.39 10.32
C PRO A 23 5.35 -25.21 9.27
N ALA A 24 5.73 -25.03 8.01
CA ALA A 24 5.08 -25.76 6.92
C ALA A 24 6.02 -26.88 6.50
N ALA A 25 5.58 -27.71 5.56
CA ALA A 25 6.41 -28.81 5.08
C ALA A 25 7.66 -28.26 4.39
N ALA A 26 7.49 -27.16 3.65
CA ALA A 26 8.58 -26.52 2.92
C ALA A 26 8.85 -25.12 3.45
N THR A 27 9.93 -24.50 2.97
CA THR A 27 10.27 -23.14 3.38
C THR A 27 10.86 -22.41 2.19
N PHE A 28 10.82 -21.08 2.23
CA PHE A 28 11.40 -20.31 1.14
C PHE A 28 12.41 -19.33 1.73
N PRO A 29 13.45 -18.99 0.95
CA PRO A 29 14.47 -18.07 1.43
C PRO A 29 14.11 -16.60 1.25
N VAL A 30 14.56 -15.78 2.19
CA VAL A 30 14.34 -14.35 2.14
C VAL A 30 15.71 -13.73 2.28
N GLN A 31 16.09 -12.92 1.30
CA GLN A 31 17.40 -12.27 1.29
C GLN A 31 17.31 -10.76 1.26
N ASP A 32 18.29 -10.13 1.90
CA ASP A 32 18.39 -8.67 1.93
C ASP A 32 18.56 -8.25 0.47
N PRO A 33 17.62 -7.44 -0.06
CA PRO A 33 17.72 -7.01 -1.46
C PRO A 33 18.94 -6.14 -1.80
N ALA A 34 19.61 -5.61 -0.78
CA ALA A 34 20.77 -4.76 -1.01
C ALA A 34 22.08 -5.55 -1.02
N SER A 35 22.39 -6.20 0.10
CA SER A 35 23.63 -6.98 0.25
C SER A 35 23.54 -8.42 -0.28
N GLY A 36 22.32 -8.94 -0.40
CA GLY A 36 22.13 -10.29 -0.89
C GLY A 36 22.20 -11.36 0.20
N ALA A 37 22.50 -10.92 1.42
CA ALA A 37 22.62 -11.79 2.59
C ALA A 37 21.34 -12.58 2.91
N ALA A 38 21.51 -13.80 3.41
CA ALA A 38 20.36 -14.62 3.76
C ALA A 38 19.74 -14.07 5.04
N LEU A 39 18.45 -13.79 4.99
CA LEU A 39 17.75 -13.27 6.17
C LEU A 39 17.15 -14.42 6.97
N GLY A 40 16.60 -15.41 6.28
CA GLY A 40 16.03 -16.53 7.00
C GLY A 40 15.18 -17.45 6.14
N MET A 41 14.81 -18.58 6.71
CA MET A 41 13.97 -19.55 6.01
C MET A 41 12.56 -19.44 6.58
N VAL A 42 11.63 -18.97 5.75
CA VAL A 42 10.24 -18.77 6.17
C VAL A 42 9.31 -19.89 5.72
N ALA A 43 8.39 -20.26 6.58
CA ALA A 43 7.43 -21.31 6.25
C ALA A 43 6.76 -20.98 4.92
N ASP A 44 6.56 -22.00 4.09
CA ASP A 44 5.92 -21.80 2.80
C ASP A 44 4.59 -22.55 2.80
N CYS A 45 3.57 -21.90 3.37
CA CYS A 45 2.25 -22.50 3.49
C CYS A 45 1.59 -22.88 2.16
N GLY A 46 0.82 -23.96 2.21
CA GLY A 46 0.12 -24.42 1.03
C GLY A 46 -1.37 -24.40 1.27
N VAL A 47 -2.14 -24.80 0.26
CA VAL A 47 -3.59 -24.83 0.35
C VAL A 47 -4.12 -25.43 1.67
N ARG A 48 -3.43 -26.43 2.20
CA ARG A 48 -3.88 -27.04 3.45
C ARG A 48 -3.73 -26.09 4.62
N GLU A 49 -2.55 -25.49 4.76
CA GLU A 49 -2.31 -24.56 5.85
C GLU A 49 -3.29 -23.40 5.76
N ALA A 50 -3.62 -23.00 4.54
CA ALA A 50 -4.54 -21.89 4.33
C ALA A 50 -5.95 -22.23 4.82
N ARG A 51 -6.49 -23.34 4.33
CA ARG A 51 -7.82 -23.75 4.74
C ARG A 51 -7.86 -23.84 6.26
N ALA A 52 -6.77 -24.33 6.85
CA ALA A 52 -6.71 -24.45 8.30
C ALA A 52 -6.76 -23.07 8.95
N ALA A 53 -6.03 -22.12 8.37
CA ALA A 53 -6.00 -20.76 8.89
C ALA A 53 -7.39 -20.12 8.77
N VAL A 54 -8.08 -20.39 7.68
CA VAL A 54 -9.42 -19.85 7.50
C VAL A 54 -10.32 -20.35 8.63
N ARG A 55 -10.35 -21.66 8.83
CA ARG A 55 -11.18 -22.26 9.90
C ARG A 55 -10.83 -21.61 11.24
N ALA A 56 -9.54 -21.40 11.48
CA ALA A 56 -9.10 -20.78 12.72
C ALA A 56 -9.72 -19.39 12.86
N ALA A 57 -9.79 -18.67 11.75
CA ALA A 57 -10.33 -17.33 11.74
C ALA A 57 -11.84 -17.36 11.89
N TYR A 58 -12.49 -18.26 11.14
CA TYR A 58 -13.94 -18.38 11.20
C TYR A 58 -14.39 -18.70 12.62
N GLU A 59 -13.67 -19.56 13.32
CA GLU A 59 -14.05 -19.91 14.67
C GLU A 59 -13.76 -18.77 15.63
N ALA A 60 -12.66 -18.05 15.40
CA ALA A 60 -12.32 -16.92 16.27
C ALA A 60 -13.38 -15.84 16.09
N PHE A 61 -13.82 -15.65 14.85
CA PHE A 61 -14.84 -14.65 14.54
C PHE A 61 -16.10 -14.79 15.39
N CYS A 62 -16.65 -16.00 15.44
CA CYS A 62 -17.85 -16.26 16.22
C CYS A 62 -17.74 -15.81 17.67
N ARG A 63 -16.52 -15.74 18.19
CA ARG A 63 -16.31 -15.28 19.56
C ARG A 63 -15.93 -13.79 19.60
N TRP A 64 -15.07 -13.40 18.67
CA TRP A 64 -14.59 -12.02 18.54
C TRP A 64 -15.70 -11.00 18.30
N ARG A 65 -16.66 -11.35 17.45
CA ARG A 65 -17.77 -10.48 17.13
C ARG A 65 -18.58 -10.16 18.39
N GLU A 66 -18.45 -11.03 19.39
CA GLU A 66 -19.17 -10.91 20.66
C GLU A 66 -18.51 -9.95 21.64
N VAL A 67 -17.19 -9.81 21.51
CA VAL A 67 -16.41 -8.93 22.37
C VAL A 67 -16.88 -7.49 22.22
N SER A 68 -16.96 -6.77 23.34
CA SER A 68 -17.42 -5.38 23.30
C SER A 68 -16.48 -4.55 22.45
N ALA A 69 -17.01 -3.47 21.89
CA ALA A 69 -16.22 -2.57 21.06
C ALA A 69 -15.15 -1.90 21.92
N LYS A 70 -15.51 -1.55 23.15
CA LYS A 70 -14.57 -0.90 24.03
C LYS A 70 -13.41 -1.84 24.31
N GLU A 71 -13.71 -3.14 24.26
CA GLU A 71 -12.70 -4.16 24.51
C GLU A 71 -11.83 -4.32 23.26
N ARG A 72 -12.45 -4.40 22.09
CA ARG A 72 -11.67 -4.55 20.87
C ARG A 72 -10.82 -3.31 20.67
N SER A 73 -11.33 -2.16 21.10
CA SER A 73 -10.59 -0.91 20.96
C SER A 73 -9.34 -0.97 21.82
N SER A 74 -9.50 -1.46 23.04
CA SER A 74 -8.40 -1.55 23.99
C SER A 74 -7.29 -2.46 23.50
N LEU A 75 -7.66 -3.57 22.88
CA LEU A 75 -6.69 -4.53 22.34
C LEU A 75 -5.95 -3.91 21.15
N LEU A 76 -6.68 -3.17 20.31
CA LEU A 76 -6.05 -2.54 19.17
C LEU A 76 -5.05 -1.49 19.66
N ARG A 77 -5.39 -0.81 20.76
CA ARG A 77 -4.49 0.20 21.28
C ARG A 77 -3.25 -0.40 21.93
N LYS A 78 -3.43 -1.54 22.59
CA LYS A 78 -2.31 -2.23 23.23
C LYS A 78 -1.35 -2.66 22.15
N TRP A 79 -1.93 -3.11 21.03
CA TRP A 79 -1.16 -3.57 19.89
C TRP A 79 -0.38 -2.39 19.34
N TYR A 80 -1.02 -1.22 19.31
CA TYR A 80 -0.39 0.01 18.83
C TYR A 80 0.81 0.35 19.69
N ASN A 81 0.60 0.37 21.00
CA ASN A 81 1.66 0.70 21.93
C ASN A 81 2.85 -0.24 21.78
N LEU A 82 2.58 -1.53 21.59
CA LEU A 82 3.65 -2.50 21.43
C LEU A 82 4.48 -2.20 20.19
N MET A 83 3.82 -1.69 19.16
CA MET A 83 4.51 -1.35 17.92
C MET A 83 5.46 -0.19 18.17
N ILE A 84 4.99 0.81 18.92
CA ILE A 84 5.83 1.97 19.22
C ILE A 84 7.03 1.58 20.07
N GLN A 85 6.79 0.77 21.10
CA GLN A 85 7.87 0.33 21.98
C GLN A 85 8.97 -0.39 21.23
N ASN A 86 8.60 -1.13 20.18
CA ASN A 86 9.54 -1.89 19.36
C ASN A 86 9.80 -1.27 17.98
N LYS A 87 9.56 0.03 17.83
CA LYS A 87 9.73 0.66 16.52
C LYS A 87 11.10 0.56 15.84
N ASP A 88 12.17 0.66 16.62
CA ASP A 88 13.50 0.59 16.04
C ASP A 88 13.76 -0.76 15.39
N ASP A 89 13.43 -1.84 16.10
CA ASP A 89 13.64 -3.19 15.55
C ASP A 89 12.70 -3.40 14.36
N LEU A 90 11.44 -3.02 14.53
CA LEU A 90 10.45 -3.18 13.48
C LEU A 90 10.91 -2.47 12.21
N ALA A 91 11.60 -1.35 12.35
CA ALA A 91 12.08 -0.60 11.20
C ALA A 91 13.29 -1.29 10.58
N ARG A 92 14.17 -1.85 11.42
CA ARG A 92 15.33 -2.55 10.89
C ARG A 92 14.83 -3.69 10.01
N ILE A 93 13.76 -4.35 10.46
CA ILE A 93 13.20 -5.47 9.70
C ILE A 93 12.68 -5.00 8.34
N ILE A 94 12.03 -3.84 8.30
CA ILE A 94 11.53 -3.33 7.02
C ILE A 94 12.68 -3.05 6.05
N THR A 95 13.70 -2.35 6.53
CA THR A 95 14.87 -2.02 5.72
C THR A 95 15.61 -3.28 5.31
N ALA A 96 15.62 -4.27 6.20
CA ALA A 96 16.31 -5.53 5.90
C ALA A 96 15.66 -6.30 4.76
N GLU A 97 14.33 -6.29 4.68
CA GLU A 97 13.65 -7.04 3.62
C GLU A 97 13.19 -6.23 2.42
N SER A 98 12.85 -4.96 2.61
CA SER A 98 12.39 -4.14 1.49
C SER A 98 13.57 -3.38 0.88
N GLY A 99 14.59 -3.13 1.68
CA GLY A 99 15.75 -2.42 1.19
C GLY A 99 15.65 -0.90 1.29
N LYS A 100 14.47 -0.39 1.65
CA LYS A 100 14.27 1.05 1.77
C LYS A 100 15.09 1.62 2.92
N PRO A 101 15.62 2.85 2.75
CA PRO A 101 16.42 3.51 3.77
C PRO A 101 15.82 3.45 5.17
N LEU A 102 16.70 3.25 6.15
CA LEU A 102 16.32 3.15 7.55
C LEU A 102 15.33 4.27 7.94
N LYS A 103 15.56 5.47 7.43
CA LYS A 103 14.68 6.59 7.77
C LYS A 103 13.28 6.32 7.23
N GLU A 104 13.20 5.91 5.97
CA GLU A 104 11.91 5.62 5.34
C GLU A 104 11.21 4.46 6.06
N ALA A 105 12.00 3.57 6.66
CA ALA A 105 11.42 2.44 7.37
C ALA A 105 10.82 2.96 8.67
N HIS A 106 11.51 3.91 9.30
CA HIS A 106 11.04 4.51 10.53
C HIS A 106 9.73 5.23 10.26
N GLY A 107 9.63 5.79 9.06
CA GLY A 107 8.42 6.49 8.66
C GLY A 107 7.27 5.51 8.52
N GLU A 108 7.54 4.34 7.94
CA GLU A 108 6.47 3.36 7.78
C GLU A 108 5.99 2.82 9.11
N ILE A 109 6.92 2.45 10.00
CA ILE A 109 6.52 1.91 11.29
C ILE A 109 5.58 2.83 12.06
N LEU A 110 5.84 4.14 12.01
CA LEU A 110 4.96 5.07 12.70
C LEU A 110 3.60 5.05 12.02
N TYR A 111 3.63 5.19 10.71
CA TYR A 111 2.44 5.19 9.88
C TYR A 111 1.65 3.89 10.14
N SER A 112 2.36 2.76 10.11
CA SER A 112 1.76 1.46 10.34
C SER A 112 1.12 1.43 11.73
N ALA A 113 1.84 1.92 12.73
CA ALA A 113 1.33 1.96 14.09
C ALA A 113 0.09 2.84 14.18
N PHE A 114 0.17 4.02 13.56
CA PHE A 114 -0.94 4.97 13.57
C PHE A 114 -2.24 4.40 13.03
N PHE A 115 -2.15 3.41 12.14
CA PHE A 115 -3.36 2.80 11.61
C PHE A 115 -4.04 1.97 12.72
N LEU A 116 -3.25 1.21 13.48
CA LEU A 116 -3.83 0.43 14.56
C LEU A 116 -4.41 1.39 15.58
N GLU A 117 -3.70 2.49 15.84
CA GLU A 117 -4.17 3.47 16.81
C GLU A 117 -5.49 4.07 16.32
N TRP A 118 -5.48 4.55 15.08
CA TRP A 118 -6.66 5.16 14.47
C TRP A 118 -7.90 4.29 14.45
N PHE A 119 -7.77 3.01 14.08
CA PHE A 119 -8.95 2.18 14.05
C PHE A 119 -9.38 1.77 15.44
N SER A 120 -8.44 1.79 16.37
CA SER A 120 -8.76 1.47 17.75
C SER A 120 -9.86 2.44 18.18
N GLU A 121 -9.71 3.69 17.73
CA GLU A 121 -10.66 4.74 18.04
C GLU A 121 -11.97 4.62 17.28
N GLU A 122 -11.93 3.97 16.13
CA GLU A 122 -13.12 3.80 15.31
C GLU A 122 -14.06 2.72 15.84
N ALA A 123 -13.49 1.69 16.42
CA ALA A 123 -14.28 0.55 16.93
C ALA A 123 -15.50 0.94 17.77
N ARG A 124 -15.35 1.93 18.63
CA ARG A 124 -16.45 2.35 19.49
C ARG A 124 -17.39 3.31 18.80
N ARG A 125 -17.10 3.67 17.56
CA ARG A 125 -17.95 4.61 16.84
C ARG A 125 -18.75 4.09 15.65
N VAL A 126 -19.10 2.81 15.67
CA VAL A 126 -19.91 2.27 14.58
C VAL A 126 -21.35 2.54 14.99
N TYR A 127 -22.01 3.48 14.32
CA TYR A 127 -23.37 3.83 14.70
C TYR A 127 -24.48 3.37 13.74
N GLY A 128 -25.57 2.87 14.32
CA GLY A 128 -26.70 2.44 13.54
C GLY A 128 -27.62 3.63 13.40
N ASP A 129 -28.72 3.49 12.68
CA ASP A 129 -29.65 4.61 12.51
C ASP A 129 -31.06 4.26 12.93
N ILE A 130 -31.85 5.32 13.17
CA ILE A 130 -33.26 5.23 13.51
C ILE A 130 -33.90 6.16 12.47
N ILE A 131 -34.74 5.58 11.61
CA ILE A 131 -35.36 6.30 10.50
C ILE A 131 -36.88 6.44 10.64
N HIS A 132 -37.41 7.60 10.27
CA HIS A 132 -38.85 7.77 10.35
C HIS A 132 -39.48 7.34 9.04
N THR A 133 -40.56 6.59 9.14
CA THR A 133 -41.31 6.14 7.97
C THR A 133 -42.76 6.59 8.20
N PRO A 134 -43.57 6.63 7.13
CA PRO A 134 -44.96 7.06 7.28
C PRO A 134 -45.77 6.20 8.25
N ALA A 135 -45.76 4.89 8.05
CA ALA A 135 -46.49 3.96 8.91
C ALA A 135 -46.31 4.28 10.40
N LYS A 136 -47.43 4.44 11.11
CA LYS A 136 -47.39 4.78 12.54
C LYS A 136 -47.27 3.54 13.44
N ASP A 137 -47.37 2.36 12.85
CA ASP A 137 -47.31 1.10 13.58
C ASP A 137 -45.94 0.44 13.52
N ARG A 138 -44.93 1.18 13.08
CA ARG A 138 -43.60 0.62 12.96
C ARG A 138 -42.46 1.64 13.08
N ARG A 139 -41.29 1.12 13.43
CA ARG A 139 -40.10 1.93 13.57
C ARG A 139 -39.01 1.26 12.76
N ALA A 140 -38.13 2.06 12.15
CA ALA A 140 -37.03 1.53 11.35
C ALA A 140 -35.68 1.72 12.06
N LEU A 141 -34.98 0.62 12.27
CA LEU A 141 -33.68 0.66 12.91
C LEU A 141 -32.66 0.12 11.91
N VAL A 142 -31.45 0.66 11.90
CA VAL A 142 -30.43 0.12 11.00
C VAL A 142 -29.19 -0.21 11.82
N LEU A 143 -28.85 -1.49 11.87
CA LEU A 143 -27.68 -1.95 12.62
C LEU A 143 -26.54 -2.16 11.64
N LYS A 144 -25.32 -2.08 12.16
CA LYS A 144 -24.14 -2.32 11.35
C LYS A 144 -23.43 -3.46 12.07
N GLN A 145 -23.15 -4.54 11.34
CA GLN A 145 -22.48 -5.71 11.92
C GLN A 145 -21.32 -6.15 11.02
N PRO A 146 -20.26 -6.74 11.62
CA PRO A 146 -19.09 -7.21 10.87
C PRO A 146 -19.42 -8.28 9.85
N ILE A 147 -18.71 -8.24 8.71
CA ILE A 147 -18.93 -9.19 7.62
C ILE A 147 -18.59 -10.65 7.97
N GLY A 148 -17.51 -10.84 8.72
CA GLY A 148 -17.09 -12.17 9.09
C GLY A 148 -15.59 -12.29 8.94
N VAL A 149 -15.14 -13.29 8.19
CA VAL A 149 -13.72 -13.50 7.97
C VAL A 149 -13.25 -12.85 6.67
N ALA A 150 -12.12 -12.15 6.74
CA ALA A 150 -11.56 -11.48 5.58
C ALA A 150 -10.19 -12.02 5.20
N ALA A 151 -9.99 -12.19 3.89
CA ALA A 151 -8.72 -12.65 3.38
C ALA A 151 -7.95 -11.38 3.01
N VAL A 152 -6.77 -11.23 3.58
CA VAL A 152 -5.93 -10.06 3.32
C VAL A 152 -4.63 -10.44 2.61
N ILE A 153 -4.40 -9.83 1.45
CA ILE A 153 -3.21 -10.08 0.63
C ILE A 153 -2.51 -8.76 0.34
N THR A 154 -1.28 -8.63 0.83
CA THR A 154 -0.48 -7.41 0.67
C THR A 154 0.84 -7.52 -0.12
N PRO A 155 1.33 -6.39 -0.64
CA PRO A 155 2.58 -6.30 -1.43
C PRO A 155 3.81 -6.10 -0.54
N TRP A 156 4.99 -6.05 -1.16
CA TRP A 156 6.24 -5.88 -0.43
C TRP A 156 6.60 -4.43 -0.09
N ASN A 157 6.11 -3.47 -0.87
CA ASN A 157 6.40 -2.04 -0.70
C ASN A 157 6.40 -1.53 0.73
N PHE A 158 5.27 -1.67 1.40
CA PHE A 158 5.15 -1.26 2.79
C PHE A 158 4.68 -2.52 3.51
N PRO A 159 5.62 -3.45 3.73
CA PRO A 159 5.40 -4.74 4.38
C PRO A 159 4.70 -4.66 5.73
N SER A 160 4.64 -3.48 6.31
CA SER A 160 3.98 -3.30 7.60
C SER A 160 2.68 -2.52 7.45
N ALA A 161 2.79 -1.27 6.99
CA ALA A 161 1.65 -0.39 6.80
C ALA A 161 0.52 -0.96 5.96
N MET A 162 0.85 -1.63 4.85
CA MET A 162 -0.17 -2.22 3.97
C MET A 162 -1.03 -3.23 4.71
N ILE A 163 -0.45 -3.93 5.69
CA ILE A 163 -1.18 -4.94 6.46
C ILE A 163 -2.00 -4.29 7.57
N THR A 164 -1.34 -3.40 8.27
CA THR A 164 -1.92 -2.71 9.40
C THR A 164 -3.15 -1.84 9.06
N ARG A 165 -3.17 -1.24 7.88
CA ARG A 165 -4.31 -0.39 7.50
C ARG A 165 -5.57 -1.18 7.18
N LYS A 166 -5.42 -2.45 6.80
CA LYS A 166 -6.58 -3.28 6.48
C LYS A 166 -7.03 -4.04 7.71
N VAL A 167 -6.06 -4.67 8.37
CA VAL A 167 -6.28 -5.46 9.55
C VAL A 167 -6.85 -4.64 10.72
N GLY A 168 -6.37 -3.41 10.88
CA GLY A 168 -6.87 -2.57 11.95
C GLY A 168 -8.36 -2.30 11.78
N ALA A 169 -8.75 -1.99 10.56
CA ALA A 169 -10.15 -1.72 10.25
C ALA A 169 -10.94 -3.00 10.41
N ALA A 170 -10.41 -4.09 9.85
CA ALA A 170 -11.08 -5.39 9.94
C ALA A 170 -11.43 -5.71 11.38
N LEU A 171 -10.44 -5.66 12.26
CA LEU A 171 -10.67 -5.98 13.67
C LEU A 171 -11.58 -4.96 14.34
N ALA A 172 -11.40 -3.69 13.99
CA ALA A 172 -12.22 -2.62 14.55
C ALA A 172 -13.71 -2.92 14.34
N ALA A 173 -14.05 -3.40 13.15
CA ALA A 173 -15.43 -3.73 12.81
C ALA A 173 -15.91 -5.01 13.48
N GLY A 174 -14.96 -5.83 13.92
CA GLY A 174 -15.31 -7.08 14.57
C GLY A 174 -15.04 -8.31 13.71
N CYS A 175 -14.23 -8.17 12.67
CA CYS A 175 -13.91 -9.28 11.77
C CYS A 175 -12.56 -9.88 12.16
N THR A 176 -12.30 -11.08 11.66
CA THR A 176 -11.01 -11.72 11.91
C THR A 176 -10.35 -11.70 10.54
N VAL A 177 -9.04 -11.95 10.48
CA VAL A 177 -8.34 -11.92 9.20
C VAL A 177 -7.33 -13.02 9.00
N VAL A 178 -7.05 -13.30 7.73
CA VAL A 178 -6.03 -14.29 7.36
C VAL A 178 -5.13 -13.56 6.38
N VAL A 179 -3.93 -13.23 6.85
CA VAL A 179 -2.95 -12.49 6.05
C VAL A 179 -1.96 -13.35 5.27
N LYS A 180 -1.83 -13.02 3.99
CA LYS A 180 -0.91 -13.71 3.10
C LYS A 180 0.05 -12.62 2.59
N PRO A 181 1.19 -12.43 3.31
CA PRO A 181 2.17 -11.41 2.95
C PRO A 181 2.98 -11.75 1.71
N ALA A 182 3.67 -10.74 1.17
CA ALA A 182 4.49 -10.90 -0.01
C ALA A 182 5.71 -11.73 0.36
N GLU A 183 6.13 -12.62 -0.54
CA GLU A 183 7.27 -13.48 -0.28
C GLU A 183 8.57 -12.71 -0.11
N ASP A 184 8.61 -11.50 -0.65
CA ASP A 184 9.80 -10.66 -0.55
C ASP A 184 9.94 -10.10 0.85
N THR A 185 8.80 -9.84 1.49
CA THR A 185 8.81 -9.25 2.82
C THR A 185 7.80 -9.87 3.77
N PRO A 186 8.03 -11.12 4.17
CA PRO A 186 7.09 -11.77 5.10
C PRO A 186 7.34 -11.42 6.58
N PHE A 187 8.58 -11.13 6.92
CA PHE A 187 8.94 -10.83 8.31
C PHE A 187 8.14 -9.76 9.01
N SER A 188 7.83 -8.68 8.30
CA SER A 188 7.06 -7.60 8.90
C SER A 188 5.70 -8.11 9.36
N ALA A 189 5.08 -8.97 8.56
CA ALA A 189 3.76 -9.52 8.89
C ALA A 189 3.79 -10.39 10.17
N LEU A 190 4.88 -11.12 10.35
CA LEU A 190 5.05 -12.01 11.49
C LEU A 190 5.49 -11.27 12.76
N ALA A 191 6.25 -10.19 12.58
CA ALA A 191 6.68 -9.38 13.71
C ALA A 191 5.40 -8.82 14.34
N LEU A 192 4.45 -8.44 13.49
CA LEU A 192 3.18 -7.91 13.95
C LEU A 192 2.43 -8.98 14.74
N ALA A 193 2.45 -10.21 14.24
CA ALA A 193 1.78 -11.32 14.90
C ALA A 193 2.34 -11.53 16.30
N GLU A 194 3.67 -11.44 16.44
CA GLU A 194 4.31 -11.61 17.74
C GLU A 194 3.75 -10.58 18.70
N LEU A 195 3.66 -9.34 18.24
CA LEU A 195 3.14 -8.27 19.08
C LEU A 195 1.65 -8.42 19.34
N ALA A 196 0.90 -8.96 18.37
CA ALA A 196 -0.53 -9.15 18.54
C ALA A 196 -0.80 -10.13 19.69
N SER A 197 0.10 -11.10 19.88
CA SER A 197 -0.07 -12.06 20.97
C SER A 197 0.34 -11.39 22.26
N GLN A 198 1.38 -10.57 22.19
CA GLN A 198 1.81 -9.84 23.39
C GLN A 198 0.68 -8.91 23.82
N ALA A 199 0.00 -8.31 22.85
CA ALA A 199 -1.10 -7.38 23.08
C ALA A 199 -2.32 -8.08 23.67
N GLY A 200 -2.45 -9.36 23.39
CA GLY A 200 -3.58 -10.10 23.90
C GLY A 200 -4.68 -10.34 22.87
N ILE A 201 -4.38 -10.08 21.59
CA ILE A 201 -5.39 -10.30 20.55
C ILE A 201 -5.73 -11.78 20.64
N PRO A 202 -7.02 -12.11 20.89
CA PRO A 202 -7.47 -13.51 21.01
C PRO A 202 -7.00 -14.38 19.86
N SER A 203 -6.77 -15.65 20.15
CA SER A 203 -6.30 -16.59 19.15
C SER A 203 -7.23 -16.72 17.95
N GLY A 204 -6.64 -16.68 16.75
CA GLY A 204 -7.40 -16.83 15.53
C GLY A 204 -7.89 -15.54 14.90
N VAL A 205 -7.74 -14.43 15.61
CA VAL A 205 -8.19 -13.15 15.08
C VAL A 205 -7.25 -12.63 13.99
N TYR A 206 -5.94 -12.78 14.22
CA TYR A 206 -4.92 -12.34 13.28
C TYR A 206 -4.03 -13.52 12.89
N ASN A 207 -4.20 -14.00 11.65
CA ASN A 207 -3.43 -15.13 11.17
C ASN A 207 -2.56 -14.73 9.99
N VAL A 208 -1.35 -15.28 9.93
CA VAL A 208 -0.41 -14.99 8.85
C VAL A 208 0.10 -16.27 8.19
N ILE A 209 -0.15 -16.43 6.89
CA ILE A 209 0.30 -17.61 6.17
C ILE A 209 1.31 -17.24 5.06
N PRO A 210 2.61 -17.19 5.38
CA PRO A 210 3.61 -16.84 4.35
C PRO A 210 3.75 -17.93 3.29
N CYS A 211 4.13 -17.54 2.08
CA CYS A 211 4.33 -18.50 1.01
C CYS A 211 5.05 -17.86 -0.17
N SER A 212 5.78 -18.69 -0.91
CA SER A 212 6.59 -18.28 -2.05
C SER A 212 5.76 -17.99 -3.30
N ARG A 213 6.44 -17.59 -4.37
CA ARG A 213 5.77 -17.28 -5.62
C ARG A 213 4.96 -18.49 -6.09
N LYS A 214 5.59 -19.66 -6.01
CA LYS A 214 4.96 -20.91 -6.44
C LYS A 214 3.59 -21.07 -5.83
N ASN A 215 3.56 -21.02 -4.50
CA ASN A 215 2.34 -21.20 -3.73
C ASN A 215 1.34 -20.03 -3.76
N ALA A 216 1.80 -18.87 -4.22
CA ALA A 216 0.93 -17.70 -4.29
C ALA A 216 -0.41 -17.97 -4.99
N LYS A 217 -0.35 -18.43 -6.24
CA LYS A 217 -1.54 -18.74 -7.03
C LYS A 217 -2.49 -19.67 -6.28
N GLU A 218 -1.97 -20.82 -5.87
CA GLU A 218 -2.76 -21.83 -5.14
C GLU A 218 -3.32 -21.32 -3.81
N VAL A 219 -2.46 -20.70 -2.99
CA VAL A 219 -2.90 -20.19 -1.70
C VAL A 219 -3.91 -19.06 -1.84
N GLY A 220 -3.61 -18.10 -2.70
CA GLY A 220 -4.53 -17.00 -2.91
C GLY A 220 -5.90 -17.52 -3.32
N GLU A 221 -5.91 -18.50 -4.22
CA GLU A 221 -7.15 -19.08 -4.70
C GLU A 221 -7.92 -19.78 -3.58
N ALA A 222 -7.19 -20.43 -2.68
CA ALA A 222 -7.81 -21.12 -1.56
C ALA A 222 -8.55 -20.15 -0.62
N ILE A 223 -7.83 -19.17 -0.09
CA ILE A 223 -8.43 -18.21 0.82
C ILE A 223 -9.44 -17.25 0.19
N CYS A 224 -9.25 -16.92 -1.08
CA CYS A 224 -10.18 -16.02 -1.77
C CYS A 224 -11.40 -16.78 -2.28
N THR A 225 -11.42 -18.09 -2.06
CA THR A 225 -12.50 -18.94 -2.52
C THR A 225 -13.26 -19.63 -1.39
N ASP A 226 -12.54 -19.92 -0.32
CA ASP A 226 -13.14 -20.60 0.82
C ASP A 226 -14.51 -20.03 1.17
N PRO A 227 -15.51 -20.91 1.38
CA PRO A 227 -16.83 -20.39 1.72
C PRO A 227 -16.92 -19.81 3.13
N LEU A 228 -15.86 -19.98 3.92
CA LEU A 228 -15.85 -19.44 5.28
C LEU A 228 -15.34 -18.01 5.26
N VAL A 229 -14.81 -17.59 4.12
CA VAL A 229 -14.31 -16.22 3.96
C VAL A 229 -15.40 -15.38 3.29
N SER A 230 -15.75 -14.25 3.90
CA SER A 230 -16.79 -13.40 3.33
C SER A 230 -16.29 -12.12 2.69
N LYS A 231 -15.00 -11.83 2.87
CA LYS A 231 -14.44 -10.60 2.36
C LYS A 231 -13.00 -10.75 1.90
N ILE A 232 -12.60 -9.87 0.98
CA ILE A 232 -11.24 -9.87 0.43
C ILE A 232 -10.67 -8.46 0.34
N SER A 233 -9.46 -8.28 0.86
CA SER A 233 -8.77 -6.98 0.83
C SER A 233 -7.42 -7.27 0.18
N PHE A 234 -7.13 -6.55 -0.89
CA PHE A 234 -5.89 -6.76 -1.65
C PHE A 234 -5.29 -5.47 -2.19
N THR A 235 -3.96 -5.39 -2.14
CA THR A 235 -3.24 -4.25 -2.68
C THR A 235 -2.10 -4.80 -3.53
N GLY A 236 -2.08 -4.45 -4.81
CA GLY A 236 -1.03 -4.94 -5.71
C GLY A 236 -1.24 -4.55 -7.17
N SER A 237 -0.88 -5.44 -8.08
CA SER A 237 -1.01 -5.17 -9.52
C SER A 237 -2.43 -5.44 -10.00
N THR A 238 -2.80 -4.76 -11.07
CA THR A 238 -4.12 -4.92 -11.65
C THR A 238 -4.35 -6.35 -12.11
N THR A 239 -3.31 -6.94 -12.70
CA THR A 239 -3.42 -8.31 -13.19
C THR A 239 -3.85 -9.26 -12.10
N THR A 240 -3.19 -9.18 -10.95
CA THR A 240 -3.55 -10.07 -9.85
C THR A 240 -4.93 -9.73 -9.32
N GLY A 241 -5.21 -8.43 -9.25
CA GLY A 241 -6.50 -7.98 -8.76
C GLY A 241 -7.66 -8.61 -9.51
N LYS A 242 -7.60 -8.59 -10.84
CA LYS A 242 -8.67 -9.15 -11.66
C LYS A 242 -8.84 -10.64 -11.41
N ILE A 243 -7.72 -11.33 -11.17
CA ILE A 243 -7.74 -12.76 -10.89
C ILE A 243 -8.53 -13.03 -9.60
N LEU A 244 -8.31 -12.21 -8.59
CA LEU A 244 -9.00 -12.36 -7.32
C LEU A 244 -10.48 -11.97 -7.45
N LEU A 245 -10.77 -10.95 -8.26
CA LEU A 245 -12.16 -10.52 -8.46
C LEU A 245 -12.95 -11.66 -9.10
N HIS A 246 -12.27 -12.50 -9.87
CA HIS A 246 -12.94 -13.62 -10.49
C HIS A 246 -13.14 -14.67 -9.42
N HIS A 247 -12.18 -14.79 -8.52
CA HIS A 247 -12.29 -15.74 -7.43
C HIS A 247 -13.49 -15.37 -6.56
N ALA A 248 -13.59 -14.09 -6.22
CA ALA A 248 -14.67 -13.61 -5.39
C ALA A 248 -16.04 -13.77 -6.04
N ALA A 249 -16.10 -13.53 -7.35
CA ALA A 249 -17.35 -13.62 -8.11
C ALA A 249 -18.12 -14.92 -7.92
N ASN A 250 -17.42 -16.03 -7.70
CA ASN A 250 -18.09 -17.32 -7.54
C ASN A 250 -18.89 -17.49 -6.26
N SER A 251 -18.59 -16.67 -5.25
CA SER A 251 -19.31 -16.73 -3.98
C SER A 251 -19.81 -15.36 -3.54
N VAL A 252 -19.81 -14.41 -4.47
CA VAL A 252 -20.29 -13.05 -4.21
C VAL A 252 -19.66 -12.43 -2.95
N LYS A 253 -18.35 -12.57 -2.84
CA LYS A 253 -17.62 -12.05 -1.69
C LYS A 253 -17.45 -10.55 -1.79
N ARG A 254 -17.43 -9.87 -0.63
CA ARG A 254 -17.22 -8.42 -0.58
C ARG A 254 -15.76 -8.18 -0.96
N VAL A 255 -15.52 -7.19 -1.79
CA VAL A 255 -14.15 -6.92 -2.22
C VAL A 255 -13.73 -5.46 -2.08
N SER A 256 -12.44 -5.26 -1.84
CA SER A 256 -11.86 -3.92 -1.75
C SER A 256 -10.40 -4.10 -2.16
N MET A 257 -9.90 -3.20 -2.99
CA MET A 257 -8.52 -3.31 -3.44
C MET A 257 -7.98 -2.01 -4.03
N GLU A 258 -6.65 -1.95 -4.12
CA GLU A 258 -5.93 -0.81 -4.65
C GLU A 258 -4.95 -1.39 -5.66
N LEU A 259 -5.02 -0.94 -6.90
CA LEU A 259 -4.18 -1.48 -7.97
C LEU A 259 -3.21 -0.46 -8.62
N GLY A 260 -1.92 -0.65 -8.36
CA GLY A 260 -0.88 0.24 -8.87
C GLY A 260 -1.02 0.97 -10.20
N GLY A 261 -1.69 2.13 -10.18
CA GLY A 261 -1.85 2.93 -11.39
C GLY A 261 -0.66 3.84 -11.67
N LEU A 262 -0.83 4.77 -12.61
CA LEU A 262 0.25 5.71 -12.93
C LEU A 262 0.31 6.76 -11.83
N ALA A 263 0.26 8.04 -12.22
CA ALA A 263 0.27 9.15 -11.28
C ALA A 263 0.92 10.36 -11.90
N PRO A 264 0.11 11.27 -12.45
CA PRO A 264 0.67 12.46 -13.07
C PRO A 264 1.11 13.48 -12.02
N PHE A 265 2.13 14.27 -12.35
CA PHE A 265 2.64 15.32 -11.47
C PHE A 265 2.71 16.56 -12.35
N ILE A 266 1.60 17.28 -12.45
CA ILE A 266 1.51 18.47 -13.28
C ILE A 266 2.01 19.76 -12.64
N VAL A 267 3.04 20.36 -13.23
CA VAL A 267 3.61 21.62 -12.73
C VAL A 267 3.23 22.76 -13.66
N PHE A 268 2.41 23.68 -13.17
CA PHE A 268 1.96 24.83 -13.98
C PHE A 268 2.89 26.03 -13.86
N ASP A 269 2.77 26.97 -14.80
CA ASP A 269 3.62 28.17 -14.80
C ASP A 269 3.54 28.99 -13.52
N SER A 270 2.38 28.98 -12.86
CA SER A 270 2.19 29.73 -11.62
C SER A 270 2.74 29.04 -10.40
N ALA A 271 3.42 27.91 -10.60
CA ALA A 271 3.98 27.16 -9.49
C ALA A 271 5.27 27.75 -8.95
N ASN A 272 5.51 27.49 -7.67
CA ASN A 272 6.72 27.93 -7.00
C ASN A 272 7.71 26.82 -7.35
N VAL A 273 8.66 27.11 -8.23
CA VAL A 273 9.63 26.11 -8.65
C VAL A 273 10.29 25.30 -7.54
N ASP A 274 11.01 25.97 -6.64
CA ASP A 274 11.68 25.24 -5.57
C ASP A 274 10.73 24.25 -4.90
N GLN A 275 9.50 24.68 -4.67
CA GLN A 275 8.49 23.83 -4.04
C GLN A 275 8.12 22.67 -4.96
N ALA A 276 7.81 22.99 -6.21
CA ALA A 276 7.45 21.96 -7.19
C ALA A 276 8.53 20.88 -7.19
N VAL A 277 9.79 21.33 -7.23
CA VAL A 277 10.92 20.40 -7.24
C VAL A 277 10.99 19.58 -5.95
N ALA A 278 10.85 20.24 -4.81
CA ALA A 278 10.88 19.54 -3.52
C ALA A 278 9.82 18.45 -3.50
N GLY A 279 8.64 18.79 -4.04
CA GLY A 279 7.54 17.85 -4.10
C GLY A 279 7.85 16.74 -5.10
N ALA A 280 8.42 17.12 -6.23
CA ALA A 280 8.78 16.15 -7.26
C ALA A 280 9.80 15.16 -6.69
N MET A 281 10.72 15.68 -5.86
CA MET A 281 11.75 14.87 -5.22
C MET A 281 11.12 13.84 -4.30
N ALA A 282 10.36 14.31 -3.33
CA ALA A 282 9.72 13.46 -2.34
C ALA A 282 8.77 12.41 -2.93
N SER A 283 7.93 12.83 -3.87
CA SER A 283 6.97 11.94 -4.49
C SER A 283 7.55 10.89 -5.44
N LYS A 284 8.63 11.22 -6.13
CA LYS A 284 9.19 10.27 -7.07
C LYS A 284 10.26 9.34 -6.56
N PHE A 285 11.11 9.82 -5.65
CA PHE A 285 12.17 8.96 -5.17
C PHE A 285 12.00 8.29 -3.81
N ARG A 286 10.81 8.42 -3.23
CA ARG A 286 10.57 7.79 -1.93
C ARG A 286 10.45 6.29 -2.22
N ASN A 287 11.19 5.48 -1.45
CA ASN A 287 11.21 4.03 -1.63
C ASN A 287 11.80 3.72 -3.00
N THR A 288 12.71 4.60 -3.42
CA THR A 288 13.42 4.49 -4.70
C THR A 288 12.44 4.39 -5.88
N GLY A 289 11.33 5.13 -5.78
CA GLY A 289 10.33 5.15 -6.83
C GLY A 289 9.47 3.90 -6.93
N GLN A 290 9.51 3.07 -5.91
CA GLN A 290 8.74 1.84 -5.91
C GLN A 290 7.50 1.87 -5.02
N THR A 291 6.47 2.56 -5.50
CA THR A 291 5.18 2.67 -4.81
C THR A 291 4.13 2.99 -5.88
N ALA A 292 2.86 2.71 -5.60
CA ALA A 292 1.80 2.97 -6.57
C ALA A 292 1.42 4.45 -6.64
N VAL A 293 1.91 5.24 -5.69
CA VAL A 293 1.62 6.67 -5.64
C VAL A 293 2.83 7.49 -6.08
N CYS A 294 3.85 6.81 -6.60
CA CYS A 294 5.05 7.49 -7.07
C CYS A 294 4.80 8.12 -8.41
N SER A 295 4.83 9.46 -8.43
CA SER A 295 4.62 10.22 -9.63
C SER A 295 5.51 9.70 -10.76
N ASN A 296 4.90 9.20 -11.83
CA ASN A 296 5.66 8.66 -12.96
C ASN A 296 5.92 9.69 -14.04
N GLN A 297 4.83 10.21 -14.61
CA GLN A 297 4.92 11.20 -15.67
C GLN A 297 4.79 12.63 -15.15
N PHE A 298 5.77 13.46 -15.50
CA PHE A 298 5.75 14.85 -15.08
C PHE A 298 5.30 15.72 -16.24
N LEU A 299 4.17 16.41 -16.07
CA LEU A 299 3.66 17.28 -17.11
C LEU A 299 4.02 18.69 -16.67
N VAL A 300 5.08 19.24 -17.26
CA VAL A 300 5.54 20.58 -16.91
C VAL A 300 5.24 21.58 -18.03
N GLN A 301 4.62 22.69 -17.66
CA GLN A 301 4.23 23.74 -18.61
C GLN A 301 5.39 24.49 -19.26
N ARG A 302 5.28 24.72 -20.57
CA ARG A 302 6.29 25.42 -21.34
C ARG A 302 7.01 26.54 -20.59
N GLY A 303 6.24 27.53 -20.13
CA GLY A 303 6.86 28.64 -19.44
C GLY A 303 7.87 28.27 -18.37
N ILE A 304 7.43 27.44 -17.42
CA ILE A 304 8.26 27.04 -16.28
C ILE A 304 9.13 25.79 -16.52
N HIS A 305 8.90 25.11 -17.65
CA HIS A 305 9.63 23.89 -18.01
C HIS A 305 11.13 23.90 -17.72
N ASP A 306 11.89 24.54 -18.62
CA ASP A 306 13.35 24.61 -18.50
C ASP A 306 13.89 24.92 -17.10
N ALA A 307 13.28 25.89 -16.43
CA ALA A 307 13.70 26.26 -15.08
C ALA A 307 13.48 25.08 -14.13
N PHE A 308 12.38 24.35 -14.35
CA PHE A 308 12.03 23.20 -13.53
C PHE A 308 13.03 22.07 -13.73
N VAL A 309 13.07 21.54 -14.94
CA VAL A 309 13.97 20.43 -15.27
C VAL A 309 15.41 20.62 -14.79
N LYS A 310 15.90 21.86 -14.85
CA LYS A 310 17.26 22.17 -14.41
C LYS A 310 17.38 22.12 -12.89
N ALA A 311 16.37 22.65 -12.19
CA ALA A 311 16.37 22.66 -10.73
C ALA A 311 16.16 21.26 -10.16
N PHE A 312 15.29 20.49 -10.82
CA PHE A 312 14.97 19.13 -10.43
C PHE A 312 16.26 18.30 -10.38
N ALA A 313 16.96 18.27 -11.51
CA ALA A 313 18.21 17.52 -11.64
C ALA A 313 19.28 17.96 -10.62
N GLU A 314 19.37 19.25 -10.38
CA GLU A 314 20.36 19.75 -9.43
C GLU A 314 20.02 19.30 -8.02
N ALA A 315 18.75 18.98 -7.80
CA ALA A 315 18.29 18.52 -6.49
C ALA A 315 18.60 17.02 -6.39
N MET A 316 18.56 16.36 -7.53
CA MET A 316 18.85 14.93 -7.58
C MET A 316 20.31 14.70 -7.24
N LYS A 317 21.21 15.58 -7.70
CA LYS A 317 22.63 15.45 -7.40
C LYS A 317 22.92 15.75 -5.92
N LYS A 318 22.31 16.81 -5.44
CA LYS A 318 22.51 17.24 -4.06
C LYS A 318 21.87 16.35 -2.99
N ASN A 319 20.86 15.56 -3.33
CA ASN A 319 20.21 14.75 -2.30
C ASN A 319 20.15 13.24 -2.41
N LEU A 320 20.18 12.72 -3.63
CA LEU A 320 20.10 11.28 -3.80
C LEU A 320 21.47 10.61 -3.68
N ARG A 321 21.60 9.79 -2.64
CA ARG A 321 22.82 9.05 -2.36
C ARG A 321 22.48 7.55 -2.37
N VAL A 322 22.81 6.86 -3.46
CA VAL A 322 22.54 5.43 -3.59
C VAL A 322 23.47 4.61 -2.71
N GLY A 323 22.90 3.62 -2.02
CA GLY A 323 23.69 2.77 -1.14
C GLY A 323 22.85 1.78 -0.36
N ASN A 324 23.42 1.22 0.70
CA ASN A 324 22.71 0.26 1.53
C ASN A 324 21.79 0.96 2.52
N GLY A 325 20.54 0.50 2.59
CA GLY A 325 19.56 1.09 3.49
C GLY A 325 20.03 1.41 4.90
N PHE A 326 20.84 0.54 5.49
CA PHE A 326 21.34 0.74 6.84
C PHE A 326 22.49 1.75 6.89
N GLU A 327 23.07 2.04 5.74
CA GLU A 327 24.18 2.98 5.63
C GLU A 327 23.69 4.39 5.89
N GLU A 328 24.43 5.16 6.69
CA GLU A 328 24.03 6.51 6.99
C GLU A 328 24.12 7.45 5.78
N GLY A 329 23.12 8.31 5.62
CA GLY A 329 23.12 9.25 4.51
C GLY A 329 22.59 8.70 3.20
N THR A 330 21.98 7.53 3.23
CA THR A 330 21.43 6.91 2.04
C THR A 330 19.98 7.35 1.83
N THR A 331 19.64 7.75 0.61
CA THR A 331 18.28 8.17 0.30
C THR A 331 17.71 7.32 -0.81
N GLN A 332 18.55 6.45 -1.35
CA GLN A 332 18.13 5.56 -2.42
C GLN A 332 18.59 4.13 -2.13
N GLY A 333 17.64 3.23 -1.96
CA GLY A 333 17.97 1.86 -1.69
C GLY A 333 17.98 1.12 -3.01
N PRO A 334 18.12 -0.21 -2.97
CA PRO A 334 18.15 -1.02 -4.19
C PRO A 334 16.75 -1.29 -4.72
N LEU A 335 16.67 -1.86 -5.92
CA LEU A 335 15.37 -2.24 -6.48
C LEU A 335 15.10 -3.63 -5.92
N ILE A 336 13.84 -3.93 -5.63
CA ILE A 336 13.48 -5.21 -5.03
C ILE A 336 14.15 -6.47 -5.61
N ASN A 337 14.30 -6.53 -6.94
CA ASN A 337 14.94 -7.67 -7.58
C ASN A 337 15.42 -7.37 -9.01
N GLU A 338 16.04 -8.37 -9.63
CA GLU A 338 16.59 -8.24 -10.99
C GLU A 338 15.58 -7.85 -12.07
N LYS A 339 14.46 -8.57 -12.11
CA LYS A 339 13.44 -8.30 -13.12
C LYS A 339 13.00 -6.84 -13.07
N ALA A 340 13.06 -6.25 -11.88
CA ALA A 340 12.71 -4.85 -11.67
C ALA A 340 13.70 -3.94 -12.37
N VAL A 341 14.98 -4.20 -12.15
CA VAL A 341 16.05 -3.40 -12.77
C VAL A 341 15.90 -3.51 -14.28
N GLU A 342 15.55 -4.70 -14.74
CA GLU A 342 15.37 -4.93 -16.16
C GLU A 342 14.25 -4.06 -16.73
N LYS A 343 13.20 -3.83 -15.95
CA LYS A 343 12.08 -3.01 -16.42
C LYS A 343 12.44 -1.55 -16.55
N VAL A 344 13.25 -1.04 -15.61
CA VAL A 344 13.68 0.36 -15.67
C VAL A 344 14.52 0.54 -16.92
N GLU A 345 15.59 -0.25 -17.03
CA GLU A 345 16.47 -0.20 -18.21
C GLU A 345 15.62 -0.20 -19.46
N LYS A 346 14.68 -1.15 -19.51
CA LYS A 346 13.76 -1.29 -20.63
C LYS A 346 13.08 0.04 -20.92
N GLN A 347 12.42 0.59 -19.92
CA GLN A 347 11.72 1.86 -20.04
C GLN A 347 12.66 3.01 -20.46
N VAL A 348 13.88 3.02 -19.93
CA VAL A 348 14.83 4.08 -20.26
C VAL A 348 15.30 4.02 -21.72
N ASN A 349 15.65 2.83 -22.18
CA ASN A 349 16.10 2.68 -23.56
C ASN A 349 14.99 2.95 -24.56
N ASP A 350 13.86 2.28 -24.40
CA ASP A 350 12.70 2.47 -25.27
C ASP A 350 12.36 3.95 -25.44
N ALA A 351 12.53 4.71 -24.37
CA ALA A 351 12.26 6.14 -24.39
C ALA A 351 13.30 6.89 -25.19
N VAL A 352 14.56 6.78 -24.76
CA VAL A 352 15.68 7.44 -25.43
C VAL A 352 15.66 7.17 -26.93
N SER A 353 15.44 5.90 -27.27
CA SER A 353 15.40 5.49 -28.68
C SER A 353 14.06 5.86 -29.29
N LYS A 354 13.48 6.96 -28.83
CA LYS A 354 12.21 7.42 -29.37
C LYS A 354 12.11 8.93 -29.20
N GLY A 355 13.24 9.54 -28.89
CA GLY A 355 13.29 10.99 -28.72
C GLY A 355 13.83 11.46 -27.37
N ALA A 356 13.37 10.82 -26.30
CA ALA A 356 13.78 11.16 -24.94
C ALA A 356 15.25 11.55 -24.80
N THR A 357 15.50 12.52 -23.93
CA THR A 357 16.86 13.02 -23.65
C THR A 357 17.22 12.82 -22.19
N VAL A 358 18.23 12.02 -21.92
CA VAL A 358 18.64 11.79 -20.54
C VAL A 358 19.41 12.97 -19.95
N VAL A 359 18.82 13.55 -18.90
CA VAL A 359 19.39 14.69 -18.18
C VAL A 359 20.38 14.26 -17.09
N THR A 360 20.13 13.09 -16.51
CA THR A 360 20.98 12.52 -15.45
C THR A 360 20.64 11.03 -15.24
N GLY A 361 21.55 10.28 -14.63
CA GLY A 361 21.30 8.86 -14.44
C GLY A 361 21.21 8.17 -15.79
N GLY A 362 20.38 7.13 -15.89
CA GLY A 362 20.23 6.44 -17.16
C GLY A 362 20.69 5.00 -17.28
N LYS A 363 21.66 4.59 -16.47
CA LYS A 363 22.19 3.23 -16.53
C LYS A 363 22.12 2.59 -15.13
N ARG A 364 22.55 1.35 -15.01
CA ARG A 364 22.55 0.72 -13.69
C ARG A 364 23.60 1.50 -12.91
N HIS A 365 23.43 1.58 -11.60
CA HIS A 365 24.39 2.30 -10.77
C HIS A 365 25.63 1.43 -10.67
N GLN A 366 26.81 2.05 -10.67
CA GLN A 366 28.03 1.25 -10.59
C GLN A 366 28.34 0.74 -9.18
N LEU A 367 27.32 0.18 -8.55
CA LEU A 367 27.41 -0.39 -7.22
C LEU A 367 27.03 -1.83 -7.51
N GLY A 368 26.54 -2.03 -8.73
CA GLY A 368 26.12 -3.34 -9.20
C GLY A 368 24.82 -3.82 -8.61
N LYS A 369 24.57 -5.11 -8.78
CA LYS A 369 23.37 -5.75 -8.26
C LYS A 369 22.09 -5.05 -8.71
N ASN A 370 21.18 -4.82 -7.77
CA ASN A 370 19.90 -4.19 -8.09
C ASN A 370 19.86 -2.67 -7.89
N PHE A 371 21.00 -2.01 -7.96
CA PHE A 371 21.04 -0.56 -7.79
C PHE A 371 20.99 0.13 -9.15
N PHE A 372 20.12 1.12 -9.28
CA PHE A 372 19.97 1.87 -10.52
C PHE A 372 20.18 3.36 -10.23
N GLU A 373 20.79 4.08 -11.18
CA GLU A 373 21.05 5.52 -10.99
C GLU A 373 19.77 6.35 -11.12
N PRO A 374 19.52 7.26 -10.16
CA PRO A 374 18.31 8.07 -10.29
C PRO A 374 18.37 8.72 -11.68
N THR A 375 17.34 8.52 -12.48
CA THR A 375 17.31 9.04 -13.84
C THR A 375 16.22 10.08 -14.10
N LEU A 376 16.60 11.12 -14.84
CA LEU A 376 15.66 12.19 -15.20
C LEU A 376 15.77 12.40 -16.71
N LEU A 377 14.70 12.09 -17.43
CA LEU A 377 14.68 12.26 -18.88
C LEU A 377 13.65 13.34 -19.22
N CYS A 378 13.99 14.23 -20.15
CA CYS A 378 13.06 15.26 -20.59
C CYS A 378 12.86 15.08 -22.10
N ASN A 379 11.97 15.87 -22.69
CA ASN A 379 11.67 15.75 -24.12
C ASN A 379 10.95 14.43 -24.37
N VAL A 380 10.23 13.97 -23.34
CA VAL A 380 9.48 12.72 -23.42
C VAL A 380 8.10 13.00 -23.97
N THR A 381 7.51 12.00 -24.62
CA THR A 381 6.17 12.12 -25.18
C THR A 381 5.27 11.06 -24.55
N GLN A 382 3.96 11.28 -24.66
CA GLN A 382 2.97 10.37 -24.09
C GLN A 382 3.17 8.90 -24.45
N ASP A 383 3.15 8.60 -25.75
CA ASP A 383 3.31 7.23 -26.26
C ASP A 383 4.49 6.41 -25.72
N MET A 384 5.36 7.05 -24.95
CA MET A 384 6.53 6.36 -24.41
C MET A 384 6.24 5.78 -23.02
N LEU A 385 4.97 5.58 -22.69
CA LEU A 385 4.59 5.06 -21.37
C LEU A 385 3.79 3.74 -21.41
N CYS A 386 3.91 3.00 -22.51
CA CYS A 386 3.19 1.74 -22.68
C CYS A 386 3.88 0.53 -22.06
N THR A 387 3.09 -0.41 -21.53
CA THR A 387 3.60 -1.63 -20.89
C THR A 387 4.50 -1.30 -19.70
N HIS A 388 4.66 0.00 -19.45
CA HIS A 388 5.51 0.48 -18.38
C HIS A 388 4.68 1.21 -17.32
N GLU A 389 3.35 1.11 -17.45
CA GLU A 389 2.43 1.75 -16.49
C GLU A 389 2.57 1.11 -15.12
N GLU A 390 3.33 0.02 -15.06
CA GLU A 390 3.58 -0.69 -13.82
C GLU A 390 5.08 -0.97 -13.63
N THR A 391 5.90 0.00 -14.01
CA THR A 391 7.36 -0.10 -13.88
C THR A 391 7.80 0.88 -12.79
N PHE A 392 8.02 0.37 -11.58
CA PHE A 392 8.44 1.20 -10.46
C PHE A 392 9.95 1.27 -10.36
N GLY A 393 10.49 2.49 -10.44
CA GLY A 393 11.93 2.67 -10.35
C GLY A 393 12.25 4.15 -10.25
N PRO A 394 13.49 4.50 -9.90
CA PRO A 394 13.88 5.91 -9.78
C PRO A 394 14.05 6.59 -11.14
N LEU A 395 12.96 6.64 -11.91
CA LEU A 395 12.97 7.24 -13.23
C LEU A 395 11.88 8.28 -13.36
N ALA A 396 12.25 9.47 -13.83
CA ALA A 396 11.31 10.56 -13.98
C ALA A 396 11.22 11.16 -15.40
N PRO A 397 10.24 10.71 -16.22
CA PRO A 397 10.08 11.26 -17.58
C PRO A 397 9.30 12.58 -17.59
N VAL A 398 9.91 13.64 -18.11
CA VAL A 398 9.27 14.96 -18.17
C VAL A 398 8.66 15.30 -19.53
N ILE A 399 7.32 15.36 -19.57
CA ILE A 399 6.57 15.68 -20.78
C ILE A 399 6.10 17.14 -20.74
N LYS A 400 6.56 17.94 -21.70
CA LYS A 400 6.17 19.35 -21.75
C LYS A 400 4.74 19.50 -22.27
N PHE A 401 4.04 20.53 -21.79
CA PHE A 401 2.68 20.79 -22.23
C PHE A 401 2.45 22.29 -22.35
N ASP A 402 1.43 22.68 -23.12
CA ASP A 402 1.11 24.08 -23.36
C ASP A 402 -0.01 24.63 -22.50
N THR A 403 -1.18 24.01 -22.62
CA THR A 403 -2.35 24.45 -21.89
C THR A 403 -2.81 23.51 -20.80
N GLU A 404 -3.69 24.02 -19.94
CA GLU A 404 -4.24 23.27 -18.84
C GLU A 404 -5.21 22.21 -19.33
N GLU A 405 -5.98 22.52 -20.38
CA GLU A 405 -6.92 21.56 -20.92
C GLU A 405 -6.13 20.37 -21.42
N GLU A 406 -4.95 20.67 -21.96
CA GLU A 406 -4.02 19.68 -22.50
C GLU A 406 -3.43 18.82 -21.40
N ALA A 407 -2.88 19.47 -20.38
CA ALA A 407 -2.29 18.78 -19.25
C ALA A 407 -3.27 17.78 -18.65
N ILE A 408 -4.51 18.25 -18.45
CA ILE A 408 -5.58 17.43 -17.89
C ILE A 408 -5.96 16.28 -18.82
N ALA A 409 -6.00 16.56 -20.11
CA ALA A 409 -6.35 15.56 -21.11
C ALA A 409 -5.35 14.40 -21.08
N ILE A 410 -4.07 14.74 -20.95
CA ILE A 410 -3.01 13.75 -20.89
C ILE A 410 -3.06 12.96 -19.60
N ALA A 411 -3.20 13.67 -18.47
CA ALA A 411 -3.25 13.03 -17.16
C ALA A 411 -4.37 12.02 -17.10
N ASN A 412 -5.55 12.43 -17.53
CA ASN A 412 -6.70 11.52 -17.50
C ASN A 412 -6.64 10.48 -18.61
N ALA A 413 -5.56 10.51 -19.39
CA ALA A 413 -5.39 9.57 -20.48
C ALA A 413 -5.69 8.16 -20.00
N ALA A 414 -4.80 7.62 -19.17
CA ALA A 414 -4.94 6.27 -18.63
C ALA A 414 -6.35 5.98 -18.11
N ASP A 415 -6.77 4.71 -18.21
CA ASP A 415 -8.08 4.29 -17.71
C ASP A 415 -7.83 3.84 -16.26
N VAL A 416 -6.74 4.36 -15.70
CA VAL A 416 -6.33 4.07 -14.35
C VAL A 416 -6.20 5.42 -13.62
N GLY A 417 -6.69 5.49 -12.39
CA GLY A 417 -6.62 6.71 -11.62
C GLY A 417 -6.47 6.49 -10.12
N LEU A 418 -5.25 6.61 -9.61
CA LEU A 418 -5.01 6.40 -8.18
C LEU A 418 -4.67 7.73 -7.52
N ALA A 419 -3.44 8.17 -7.66
CA ALA A 419 -3.00 9.43 -7.09
C ALA A 419 -2.62 10.41 -8.20
N GLY A 420 -2.64 11.70 -7.87
CA GLY A 420 -2.27 12.73 -8.84
C GLY A 420 -1.75 13.95 -8.11
N TYR A 421 -0.76 14.63 -8.69
CA TYR A 421 -0.20 15.81 -8.03
C TYR A 421 -0.08 16.98 -8.98
N PHE A 422 -0.07 18.18 -8.41
CA PHE A 422 0.10 19.39 -9.20
C PHE A 422 0.42 20.60 -8.34
N TYR A 423 1.29 21.44 -8.87
CA TYR A 423 1.69 22.65 -8.16
C TYR A 423 1.18 23.87 -8.92
N SER A 424 0.56 24.79 -8.18
CA SER A 424 0.00 26.00 -8.76
C SER A 424 -0.26 27.06 -7.68
N GLN A 425 -0.25 28.33 -8.07
CA GLN A 425 -0.52 29.39 -7.13
C GLN A 425 -1.79 30.13 -7.50
N ASP A 426 -2.57 29.54 -8.40
CA ASP A 426 -3.84 30.10 -8.88
C ASP A 426 -5.00 29.45 -8.12
N PRO A 427 -5.68 30.23 -7.25
CA PRO A 427 -6.82 29.71 -6.48
C PRO A 427 -7.85 28.96 -7.31
N ALA A 428 -8.29 29.57 -8.41
CA ALA A 428 -9.29 28.95 -9.27
C ALA A 428 -8.75 27.74 -10.03
N GLN A 429 -7.51 27.81 -10.51
CA GLN A 429 -6.93 26.69 -11.26
C GLN A 429 -6.82 25.47 -10.34
N ILE A 430 -6.52 25.72 -9.08
CA ILE A 430 -6.39 24.65 -8.09
C ILE A 430 -7.68 23.86 -7.98
N TRP A 431 -8.81 24.54 -7.94
CA TRP A 431 -10.11 23.85 -7.86
C TRP A 431 -10.48 23.11 -9.15
N ARG A 432 -10.24 23.76 -10.29
CA ARG A 432 -10.56 23.17 -11.57
C ARG A 432 -9.83 21.85 -11.75
N VAL A 433 -8.51 21.88 -11.64
CA VAL A 433 -7.70 20.66 -11.80
C VAL A 433 -8.02 19.60 -10.73
N ALA A 434 -8.08 20.00 -9.46
CA ALA A 434 -8.36 19.07 -8.38
C ALA A 434 -9.66 18.29 -8.60
N GLU A 435 -10.67 18.97 -9.14
CA GLU A 435 -11.95 18.31 -9.40
C GLU A 435 -11.98 17.51 -10.69
N GLN A 436 -11.19 17.95 -11.67
CA GLN A 436 -11.15 17.29 -12.96
C GLN A 436 -10.21 16.11 -13.08
N LEU A 437 -9.20 16.05 -12.22
CA LEU A 437 -8.26 14.94 -12.23
C LEU A 437 -9.02 13.69 -11.79
N GLU A 438 -9.37 12.83 -12.74
CA GLU A 438 -10.11 11.60 -12.43
C GLU A 438 -9.15 10.65 -11.74
N VAL A 439 -8.93 10.93 -10.46
CA VAL A 439 -8.01 10.17 -9.65
C VAL A 439 -8.63 10.05 -8.25
N GLY A 440 -8.14 9.11 -7.44
CA GLY A 440 -8.69 8.91 -6.11
C GLY A 440 -8.13 9.86 -5.05
N MET A 441 -6.91 10.35 -5.28
CA MET A 441 -6.27 11.25 -4.34
C MET A 441 -5.50 12.32 -5.10
N VAL A 442 -5.65 13.57 -4.66
CA VAL A 442 -4.98 14.70 -5.30
C VAL A 442 -4.10 15.45 -4.33
N GLY A 443 -2.87 15.71 -4.74
CA GLY A 443 -1.94 16.46 -3.91
C GLY A 443 -1.83 17.84 -4.52
N VAL A 444 -2.17 18.87 -3.75
CA VAL A 444 -2.09 20.26 -4.22
C VAL A 444 -0.89 20.94 -3.55
N ASN A 445 0.12 21.25 -4.34
CA ASN A 445 1.34 21.88 -3.85
C ASN A 445 2.01 21.06 -2.76
N GLU A 446 1.78 19.75 -2.79
CA GLU A 446 2.38 18.82 -1.85
C GLU A 446 2.64 17.51 -2.58
N GLY A 447 3.80 16.91 -2.31
CA GLY A 447 4.15 15.65 -2.95
C GLY A 447 4.02 14.42 -2.07
N LEU A 448 3.75 14.61 -0.78
CA LEU A 448 3.58 13.50 0.15
C LEU A 448 2.23 13.66 0.84
N ILE A 449 1.26 12.85 0.45
CA ILE A 449 -0.08 12.97 1.02
C ILE A 449 -0.54 11.90 2.03
N SER A 450 0.36 11.02 2.45
CA SER A 450 0.01 9.98 3.41
C SER A 450 -0.70 10.57 4.63
N SER A 451 -1.64 9.80 5.18
CA SER A 451 -2.41 10.23 6.35
C SER A 451 -3.42 9.15 6.72
N VAL A 452 -3.33 8.61 7.94
CA VAL A 452 -4.25 7.55 8.35
C VAL A 452 -5.69 8.01 8.51
N GLU A 453 -5.90 9.32 8.65
CA GLU A 453 -7.24 9.85 8.82
C GLU A 453 -7.92 10.31 7.53
N CYS A 454 -7.32 9.99 6.39
CA CYS A 454 -7.87 10.35 5.09
C CYS A 454 -8.06 9.11 4.21
N PRO A 455 -9.15 9.09 3.41
CA PRO A 455 -9.51 7.98 2.51
C PRO A 455 -8.58 7.69 1.32
N PHE A 456 -7.94 6.52 1.35
CA PHE A 456 -7.04 6.07 0.29
C PHE A 456 -7.66 5.05 -0.65
N GLY A 457 -7.34 5.12 -1.93
CA GLY A 457 -7.89 4.18 -2.88
C GLY A 457 -8.00 4.83 -4.24
N GLY A 458 -8.55 4.10 -5.21
CA GLY A 458 -8.65 4.66 -6.54
C GLY A 458 -9.98 4.52 -7.25
N VAL A 459 -10.10 5.22 -8.37
CA VAL A 459 -11.30 5.21 -9.19
C VAL A 459 -11.03 4.35 -10.42
N LYS A 460 -12.08 4.06 -11.18
CA LYS A 460 -11.94 3.25 -12.37
C LYS A 460 -11.22 1.94 -12.03
N GLN A 461 -10.22 1.56 -12.83
CA GLN A 461 -9.52 0.31 -12.61
C GLN A 461 -8.38 0.34 -11.59
N SER A 462 -8.28 1.43 -10.82
CA SER A 462 -7.21 1.50 -9.83
C SER A 462 -7.65 0.89 -8.52
N GLY A 463 -8.92 0.49 -8.44
CA GLY A 463 -9.37 -0.12 -7.20
C GLY A 463 -10.83 -0.04 -6.84
N LEU A 464 -11.12 -0.51 -5.63
CA LEU A 464 -12.47 -0.54 -5.09
C LEU A 464 -12.40 -0.24 -3.58
N GLY A 465 -13.30 0.62 -3.11
CA GLY A 465 -13.28 0.93 -1.69
C GLY A 465 -12.15 1.85 -1.31
N ARG A 466 -12.06 2.14 -0.01
CA ARG A 466 -11.02 3.03 0.52
C ARG A 466 -10.50 2.49 1.84
N GLU A 467 -9.28 2.86 2.21
CA GLU A 467 -8.69 2.42 3.47
C GLU A 467 -8.25 3.64 4.27
N GLY A 468 -8.25 3.51 5.59
CA GLY A 468 -7.90 4.64 6.43
C GLY A 468 -9.14 5.49 6.66
N SER A 469 -8.97 6.62 7.33
CA SER A 469 -10.05 7.57 7.65
C SER A 469 -11.31 6.96 8.26
N LYS A 470 -12.39 7.75 8.25
CA LYS A 470 -13.66 7.33 8.80
C LYS A 470 -14.44 6.41 7.86
N TYR A 471 -13.93 6.22 6.64
CA TYR A 471 -14.60 5.36 5.66
C TYR A 471 -14.02 3.96 5.58
N GLY A 472 -12.81 3.79 6.10
CA GLY A 472 -12.17 2.49 6.05
C GLY A 472 -12.97 1.35 6.66
N ILE A 473 -13.43 1.54 7.89
CA ILE A 473 -14.18 0.51 8.59
C ILE A 473 -15.44 0.06 7.86
N ASP A 474 -15.91 0.87 6.92
CA ASP A 474 -17.12 0.51 6.18
C ASP A 474 -16.94 -0.70 5.28
N GLU A 475 -15.70 -0.89 4.82
CA GLU A 475 -15.39 -2.02 3.94
C GLU A 475 -15.57 -3.37 4.66
N TYR A 476 -15.75 -3.32 5.98
CA TYR A 476 -15.92 -4.52 6.77
C TYR A 476 -17.24 -4.67 7.53
N LEU A 477 -18.25 -3.88 7.18
CA LEU A 477 -19.54 -3.97 7.85
C LEU A 477 -20.66 -4.28 6.86
N GLU A 478 -21.78 -4.74 7.40
CA GLU A 478 -22.97 -5.05 6.62
C GLU A 478 -24.13 -4.30 7.29
N LEU A 479 -25.01 -3.73 6.50
CA LEU A 479 -26.14 -3.01 7.07
C LEU A 479 -27.32 -3.97 7.21
N LYS A 480 -28.06 -3.80 8.30
CA LYS A 480 -29.23 -4.64 8.55
C LYS A 480 -30.39 -3.75 8.91
N TYR A 481 -31.36 -3.66 8.02
CA TYR A 481 -32.54 -2.85 8.27
C TYR A 481 -33.48 -3.70 9.12
N VAL A 482 -33.88 -3.19 10.27
CA VAL A 482 -34.79 -3.89 11.17
C VAL A 482 -36.11 -3.12 11.26
N CYS A 483 -37.17 -3.72 10.76
CA CYS A 483 -38.48 -3.09 10.77
C CYS A 483 -39.24 -3.52 12.02
N TYR A 484 -39.15 -2.72 13.08
CA TYR A 484 -39.84 -3.04 14.32
C TYR A 484 -41.33 -2.67 14.13
N GLY A 485 -42.16 -3.68 13.86
CA GLY A 485 -43.58 -3.44 13.65
C GLY A 485 -44.48 -3.88 14.78
N GLY A 486 -45.78 -3.92 14.51
CA GLY A 486 -46.76 -4.33 15.50
C GLY A 486 -46.95 -3.32 16.62
N LEU A 487 -46.91 -2.04 16.28
CA LEU A 487 -47.05 -0.99 17.28
C LEU A 487 -48.35 -0.21 17.18
PB ADP B . 3.88 -6.72 -7.15
O1B ADP B . 4.08 -6.34 -5.64
O2B ADP B . 4.81 -7.81 -7.49
O3B ADP B . 3.94 -5.52 -8.02
PA ADP B . 1.64 -8.63 -7.35
O1A ADP B . 2.65 -9.70 -7.51
O2A ADP B . 0.59 -8.57 -8.41
O3A ADP B . 2.32 -7.18 -7.25
O5' ADP B . 0.87 -8.70 -5.97
C5' ADP B . 1.61 -8.77 -4.73
C4' ADP B . 0.94 -9.80 -3.77
O4' ADP B . 0.00 -10.59 -4.50
C3' ADP B . 1.91 -10.76 -3.11
O3' ADP B . 1.50 -11.02 -1.77
C2' ADP B . 1.77 -12.01 -4.02
O2' ADP B . 2.16 -13.26 -3.53
C1' ADP B . 0.30 -11.95 -4.36
N9 ADP B . -0.07 -12.65 -5.64
C8 ADP B . 0.58 -12.54 -6.86
N7 ADP B . -0.02 -13.29 -7.79
C5 ADP B . -1.10 -13.89 -7.12
C6 ADP B . -2.11 -14.78 -7.57
N6 ADP B . -2.20 -15.25 -8.78
N1 ADP B . -3.00 -15.15 -6.60
C2 ADP B . -2.95 -14.70 -5.32
N3 ADP B . -2.02 -13.85 -4.82
C4 ADP B . -1.16 -13.51 -5.80
S SO4 C . 25.82 8.21 -5.51
O1 SO4 C . 24.52 8.44 -6.15
O2 SO4 C . 26.31 9.44 -4.86
O3 SO4 C . 25.71 7.16 -4.48
O4 SO4 C . 26.79 7.78 -6.53
S SO4 D . -3.48 27.93 -19.88
O1 SO4 D . -2.89 29.22 -20.27
O2 SO4 D . -4.18 28.08 -18.58
O3 SO4 D . -4.45 27.49 -20.91
O4 SO4 D . -2.42 26.91 -19.74
S SO4 E . 0.41 -26.93 24.55
O1 SO4 E . 0.75 -27.92 23.48
O2 SO4 E . 1.05 -25.63 24.25
O3 SO4 E . -1.05 -26.76 24.60
O4 SO4 E . 0.90 -27.43 25.84
S SO4 F . 9.03 22.13 -28.22
O1 SO4 F . 9.24 20.99 -29.13
O2 SO4 F . 9.89 23.26 -28.64
O3 SO4 F . 7.62 22.55 -28.28
O4 SO4 F . 9.38 21.75 -26.85
S SO4 G . -20.12 13.48 12.43
O1 SO4 G . -19.65 12.48 11.44
O2 SO4 G . -18.94 14.17 13.01
O3 SO4 G . -20.99 14.46 11.76
O4 SO4 G . -20.87 12.80 13.50
S SO4 H . 5.21 6.53 4.64
O1 SO4 H . 4.95 7.11 3.31
O2 SO4 H . 4.76 7.46 5.68
O3 SO4 H . 4.49 5.24 4.77
O4 SO4 H . 6.66 6.28 4.80
S SO4 I . 13.24 -22.35 -9.71
O1 SO4 I . 12.90 -21.34 -10.74
O2 SO4 I . 13.97 -21.70 -8.59
O3 SO4 I . 12.01 -22.96 -9.20
O4 SO4 I . 14.10 -23.39 -10.31
S SO4 J . -4.58 -24.44 14.87
O1 SO4 J . -3.55 -25.30 14.25
O2 SO4 J . -5.15 -23.55 13.84
O3 SO4 J . -5.66 -25.28 15.44
O4 SO4 J . -3.97 -23.64 15.94
S SO4 K . 7.84 -18.30 21.96
O1 SO4 K . 7.53 -19.10 20.77
O2 SO4 K . 7.28 -16.94 21.80
O3 SO4 K . 7.25 -18.94 23.15
O4 SO4 K . 9.31 -18.21 22.13
S SO4 L . 1.28 5.02 1.05
O1 SO4 L . 0.73 4.02 0.12
O2 SO4 L . 0.18 5.83 1.61
O3 SO4 L . 2.00 4.34 2.15
O4 SO4 L . 2.21 5.91 0.32
C1 GOL M . 25.77 12.75 -15.25
O1 GOL M . 25.69 13.89 -14.42
C2 GOL M . 24.82 11.67 -14.72
O2 GOL M . 25.28 11.07 -13.52
C3 GOL M . 24.64 10.58 -15.77
O3 GOL M . 24.16 11.09 -17.02
C1 GOL N . 18.60 -11.80 -7.14
O1 GOL N . 19.45 -10.70 -7.40
C2 GOL N . 17.40 -11.75 -8.11
O2 GOL N . 16.62 -10.60 -7.91
C3 GOL N . 16.50 -12.97 -7.90
O3 GOL N . 17.18 -14.19 -8.10
#